data_5W93
#
_entry.id   5W93
#
_cell.length_a   84.290
_cell.length_b   37.741
_cell.length_c   152.502
_cell.angle_alpha   90.00
_cell.angle_beta   100.94
_cell.angle_gamma   90.00
#
_symmetry.space_group_name_H-M   'C 1 2 1'
#
loop_
_entity.id
_entity.type
_entity.pdbx_description
1 polymer 'Breast cancer anti-estrogen resistance protein 1'
2 polymer Paxillin
3 water water
#
loop_
_entity_poly.entity_id
_entity_poly.type
_entity_poly.pdbx_seq_one_letter_code
_entity_poly.pdbx_strand_id
1 'polypeptide(L)'
;GGLGPSDRQLLLFYLEQAEANLTTLTDAVDAFFTAVATNQPPKIFVAHSKFVILSAHKLVFIGDTLSRQAKAADVRSQVT
HYSNLLSDLLRGIVATTKAAALQYPSPSAAQDMVDRVKELGHSTQQFRRVLGQLAAA
;
A,B,C
2 'polypeptide(L)' MDDLDALLADLESTTSHISK D,E,F
#
# COMPACT_ATOMS: atom_id res chain seq x y z
N GLY A 4 11.83 -29.55 -15.34
CA GLY A 4 11.87 -30.82 -14.63
C GLY A 4 10.48 -31.30 -14.21
N PRO A 5 10.27 -32.63 -14.21
CA PRO A 5 8.99 -33.28 -13.90
C PRO A 5 8.34 -32.84 -12.59
N SER A 6 9.08 -32.84 -11.49
CA SER A 6 8.49 -32.49 -10.20
C SER A 6 8.10 -31.02 -10.14
N ASP A 7 8.92 -30.14 -10.72
CA ASP A 7 8.59 -28.72 -10.78
C ASP A 7 7.33 -28.48 -11.61
N ARG A 8 7.26 -29.08 -12.80
CA ARG A 8 6.10 -28.87 -13.67
C ARG A 8 4.79 -29.27 -13.00
N GLN A 9 4.82 -30.42 -12.33
CA GLN A 9 3.63 -30.90 -11.63
C GLN A 9 3.24 -29.98 -10.48
N LEU A 10 4.25 -29.54 -9.74
CA LEU A 10 4.01 -28.62 -8.64
C LEU A 10 3.38 -27.31 -9.16
N LEU A 11 3.92 -26.81 -10.26
CA LEU A 11 3.47 -25.54 -10.81
C LEU A 11 2.05 -25.65 -11.36
N LEU A 12 1.74 -26.74 -12.08
CA LEU A 12 0.40 -26.92 -12.61
C LEU A 12 -0.63 -27.02 -11.48
N PHE A 13 -0.27 -27.76 -10.43
CA PHE A 13 -1.13 -27.88 -9.27
C PHE A 13 -1.40 -26.51 -8.60
N TYR A 14 -0.33 -25.76 -8.32
CA TYR A 14 -0.56 -24.51 -7.61
C TYR A 14 -1.11 -23.39 -8.51
N LEU A 15 -0.93 -23.54 -9.82
CA LEU A 15 -1.63 -22.66 -10.77
C LEU A 15 -3.13 -22.82 -10.60
N GLU A 16 -3.58 -24.07 -10.52
CA GLU A 16 -4.99 -24.35 -10.30
C GLU A 16 -5.50 -23.74 -8.99
N GLN A 17 -4.72 -23.89 -7.92
CA GLN A 17 -5.08 -23.31 -6.62
C GLN A 17 -5.08 -21.79 -6.67
N ALA A 18 -4.10 -21.22 -7.35
CA ALA A 18 -4.04 -19.77 -7.51
C ALA A 18 -5.28 -19.26 -8.25
N GLU A 19 -5.73 -19.97 -9.27
CA GLU A 19 -6.88 -19.54 -10.07
C GLU A 19 -8.14 -19.53 -9.22
N ALA A 20 -8.34 -20.57 -8.44
CA ALA A 20 -9.43 -20.62 -7.46
C ALA A 20 -9.37 -19.47 -6.44
N ASN A 21 -8.20 -19.23 -5.86
CA ASN A 21 -8.08 -18.15 -4.86
C ASN A 21 -8.24 -16.76 -5.46
N LEU A 22 -7.89 -16.63 -6.73
CA LEU A 22 -7.99 -15.38 -7.46
C LEU A 22 -9.45 -14.94 -7.62
N THR A 23 -10.36 -15.92 -7.66
CA THR A 23 -11.80 -15.67 -7.67
C THR A 23 -12.29 -14.99 -6.41
N THR A 24 -11.93 -15.58 -5.26
CA THR A 24 -12.22 -15.00 -3.97
C THR A 24 -11.63 -13.58 -3.85
N LEU A 25 -10.41 -13.41 -4.34
CA LEU A 25 -9.75 -12.11 -4.25
C LEU A 25 -10.47 -11.08 -5.10
N THR A 26 -10.87 -11.47 -6.31
CA THR A 26 -11.57 -10.56 -7.20
C THR A 26 -12.89 -10.11 -6.59
N ASP A 27 -13.62 -11.05 -5.97
CA ASP A 27 -14.84 -10.69 -5.27
C ASP A 27 -14.57 -9.73 -4.11
N ALA A 28 -13.46 -9.94 -3.39
CA ALA A 28 -13.17 -9.08 -2.23
C ALA A 28 -12.71 -7.68 -2.65
N VAL A 29 -11.90 -7.63 -3.70
CA VAL A 29 -11.45 -6.35 -4.24
C VAL A 29 -12.61 -5.54 -4.85
N ASP A 30 -13.47 -6.21 -5.63
CA ASP A 30 -14.69 -5.59 -6.15
C ASP A 30 -15.56 -5.00 -5.05
N ALA A 31 -15.78 -5.78 -4.00
CA ALA A 31 -16.60 -5.34 -2.89
C ALA A 31 -15.96 -4.15 -2.20
N PHE A 32 -14.63 -4.18 -2.08
CA PHE A 32 -13.89 -3.06 -1.49
C PHE A 32 -14.08 -1.79 -2.34
N PHE A 33 -13.90 -1.89 -3.65
CA PHE A 33 -14.03 -0.72 -4.52
C PHE A 33 -15.43 -0.13 -4.46
N THR A 34 -16.44 -1.01 -4.37
CA THR A 34 -17.84 -0.58 -4.30
C THR A 34 -18.13 0.18 -3.00
N ALA A 35 -17.56 -0.32 -1.89
CA ALA A 35 -17.64 0.36 -0.61
C ALA A 35 -17.08 1.77 -0.68
N VAL A 36 -15.95 1.93 -1.35
CA VAL A 36 -15.34 3.25 -1.46
C VAL A 36 -16.15 4.14 -2.41
N ALA A 37 -16.69 3.54 -3.48
CA ALA A 37 -17.42 4.31 -4.49
C ALA A 37 -18.80 4.76 -4.00
N THR A 38 -19.31 4.15 -2.93
CA THR A 38 -20.59 4.58 -2.37
C THR A 38 -20.35 5.31 -1.06
N ASN A 39 -19.13 5.82 -0.90
CA ASN A 39 -18.73 6.62 0.26
C ASN A 39 -19.05 6.00 1.59
N GLN A 40 -18.79 4.70 1.74
CA GLN A 40 -19.03 4.02 3.00
C GLN A 40 -18.02 4.49 4.05
N PRO A 41 -18.43 4.52 5.33
CA PRO A 41 -17.57 4.97 6.45
C PRO A 41 -16.54 3.90 6.84
N PRO A 42 -15.57 4.26 7.71
CA PRO A 42 -14.54 3.30 8.12
C PRO A 42 -15.05 1.96 8.65
N LYS A 43 -16.17 1.90 9.36
CA LYS A 43 -16.60 0.61 9.91
C LYS A 43 -16.87 -0.37 8.78
N ILE A 44 -17.19 0.15 7.59
CA ILE A 44 -17.41 -0.65 6.40
C ILE A 44 -16.13 -0.88 5.57
N PHE A 45 -15.41 0.18 5.20
CA PHE A 45 -14.29 -0.06 4.27
C PHE A 45 -13.08 -0.72 4.96
N VAL A 46 -12.95 -0.54 6.27
CA VAL A 46 -11.90 -1.24 7.04
C VAL A 46 -12.18 -2.76 7.08
N ALA A 47 -13.43 -3.13 7.29
CA ALA A 47 -13.83 -4.55 7.16
C ALA A 47 -13.48 -5.10 5.78
N HIS A 48 -13.80 -4.35 4.73
CA HIS A 48 -13.53 -4.82 3.36
C HIS A 48 -12.02 -4.87 3.08
N SER A 49 -11.24 -3.98 3.69
CA SER A 49 -9.80 -4.05 3.60
CA SER A 49 -9.79 -4.05 3.61
C SER A 49 -9.30 -5.38 4.15
N LYS A 50 -9.78 -5.75 5.33
CA LYS A 50 -9.39 -7.01 5.94
C LYS A 50 -9.75 -8.20 5.03
N PHE A 51 -10.89 -8.12 4.35
CA PHE A 51 -11.30 -9.22 3.45
C PHE A 51 -10.32 -9.33 2.27
N VAL A 52 -9.88 -8.18 1.76
CA VAL A 52 -8.90 -8.15 0.67
C VAL A 52 -7.58 -8.77 1.11
N ILE A 53 -7.13 -8.38 2.29
CA ILE A 53 -5.87 -8.85 2.85
C ILE A 53 -5.90 -10.36 3.09
N LEU A 54 -6.95 -10.82 3.76
CA LEU A 54 -7.08 -12.24 4.02
C LEU A 54 -7.08 -13.08 2.74
N SER A 55 -7.81 -12.64 1.72
CA SER A 55 -7.93 -13.42 0.50
C SER A 55 -6.64 -13.35 -0.35
N ALA A 56 -5.99 -12.20 -0.42
CA ALA A 56 -4.71 -12.10 -1.11
C ALA A 56 -3.59 -12.87 -0.37
N HIS A 57 -3.68 -12.94 0.95
CA HIS A 57 -2.65 -13.63 1.72
C HIS A 57 -2.61 -15.12 1.31
N LYS A 58 -3.75 -15.65 0.89
CA LYS A 58 -3.80 -17.01 0.34
C LYS A 58 -2.81 -17.18 -0.82
N LEU A 59 -2.66 -16.13 -1.64
CA LEU A 59 -1.73 -16.20 -2.75
C LEU A 59 -0.28 -16.07 -2.33
N VAL A 60 -0.02 -15.20 -1.35
CA VAL A 60 1.30 -15.13 -0.75
C VAL A 60 1.72 -16.52 -0.24
N PHE A 61 0.82 -17.16 0.48
CA PHE A 61 1.08 -18.49 1.05
C PHE A 61 1.39 -19.52 -0.03
N ILE A 62 0.63 -19.51 -1.12
CA ILE A 62 0.95 -20.35 -2.27
C ILE A 62 2.35 -20.07 -2.79
N GLY A 63 2.70 -18.79 -2.93
CA GLY A 63 4.03 -18.45 -3.36
C GLY A 63 5.09 -18.99 -2.42
N ASP A 64 4.83 -18.86 -1.12
CA ASP A 64 5.75 -19.34 -0.09
C ASP A 64 5.96 -20.86 -0.16
N THR A 65 4.86 -21.57 -0.29
CA THR A 65 4.85 -23.02 -0.39
C THR A 65 5.57 -23.49 -1.65
N LEU A 66 5.26 -22.86 -2.77
CA LEU A 66 5.90 -23.16 -4.04
C LEU A 66 7.40 -22.90 -4.04
N SER A 67 7.80 -21.74 -3.55
CA SER A 67 9.20 -21.31 -3.54
C SER A 67 10.06 -22.23 -2.69
N ARG A 68 9.49 -22.73 -1.61
CA ARG A 68 10.24 -23.58 -0.71
C ARG A 68 10.54 -24.95 -1.32
N GLN A 69 9.69 -25.38 -2.24
CA GLN A 69 9.74 -26.75 -2.75
C GLN A 69 10.15 -26.87 -4.22
N ALA A 70 10.24 -25.75 -4.91
CA ALA A 70 10.64 -25.77 -6.31
C ALA A 70 12.16 -26.02 -6.41
N LYS A 71 12.57 -26.80 -7.40
CA LYS A 71 13.98 -27.12 -7.60
C LYS A 71 14.69 -26.05 -8.45
N ALA A 72 14.00 -25.57 -9.48
CA ALA A 72 14.63 -24.67 -10.45
C ALA A 72 14.89 -23.27 -9.88
N ALA A 73 16.11 -22.78 -10.05
CA ALA A 73 16.52 -21.50 -9.49
C ALA A 73 15.63 -20.36 -9.97
N ASP A 74 15.30 -20.36 -11.25
CA ASP A 74 14.45 -19.32 -11.83
C ASP A 74 13.01 -19.37 -11.32
N VAL A 75 12.49 -20.58 -11.09
CA VAL A 75 11.19 -20.72 -10.46
C VAL A 75 11.22 -20.13 -9.04
N ARG A 76 12.21 -20.52 -8.25
CA ARG A 76 12.33 -20.05 -6.88
C ARG A 76 12.41 -18.53 -6.84
N SER A 77 13.18 -17.98 -7.76
CA SER A 77 13.40 -16.53 -7.87
C SER A 77 12.14 -15.75 -8.16
N GLN A 78 11.45 -16.14 -9.22
CA GLN A 78 10.21 -15.48 -9.60
C GLN A 78 9.15 -15.58 -8.50
N VAL A 79 8.91 -16.77 -7.95
CA VAL A 79 7.80 -16.90 -7.01
C VAL A 79 8.15 -16.19 -5.71
N THR A 80 9.42 -16.23 -5.29
CA THR A 80 9.82 -15.47 -4.10
C THR A 80 9.67 -13.95 -4.34
N HIS A 81 10.00 -13.47 -5.54
CA HIS A 81 9.71 -12.08 -5.89
C HIS A 81 8.25 -11.71 -5.66
N TYR A 82 7.34 -12.49 -6.23
CA TYR A 82 5.92 -12.16 -6.10
C TYR A 82 5.43 -12.34 -4.67
N SER A 83 5.91 -13.35 -3.96
CA SER A 83 5.54 -13.47 -2.55
C SER A 83 5.97 -12.22 -1.75
N ASN A 84 7.21 -11.77 -1.94
CA ASN A 84 7.68 -10.54 -1.29
C ASN A 84 6.90 -9.29 -1.71
N LEU A 85 6.67 -9.15 -3.02
CA LEU A 85 5.93 -8.00 -3.54
C LEU A 85 4.50 -7.96 -2.97
N LEU A 86 3.78 -9.08 -3.02
CA LEU A 86 2.43 -9.13 -2.47
C LEU A 86 2.44 -8.86 -0.95
N SER A 87 3.43 -9.39 -0.24
CA SER A 87 3.53 -9.13 1.20
C SER A 87 3.74 -7.65 1.49
N ASP A 88 4.58 -7.02 0.68
CA ASP A 88 4.82 -5.58 0.80
C ASP A 88 3.53 -4.77 0.58
N LEU A 89 2.78 -5.15 -0.44
CA LEU A 89 1.52 -4.48 -0.75
C LEU A 89 0.45 -4.69 0.34
N LEU A 90 0.41 -5.88 0.94
CA LEU A 90 -0.50 -6.10 2.08
C LEU A 90 -0.18 -5.14 3.23
N ARG A 91 1.10 -4.93 3.54
CA ARG A 91 1.45 -3.96 4.59
C ARG A 91 1.05 -2.54 4.17
N GLY A 92 1.21 -2.23 2.90
CA GLY A 92 0.79 -0.96 2.34
C GLY A 92 -0.72 -0.76 2.49
N ILE A 93 -1.48 -1.82 2.27
CA ILE A 93 -2.94 -1.75 2.45
C ILE A 93 -3.30 -1.55 3.93
N VAL A 94 -2.62 -2.24 4.85
CA VAL A 94 -2.86 -2.00 6.27
C VAL A 94 -2.56 -0.52 6.63
N ALA A 95 -1.42 -0.01 6.16
CA ALA A 95 -0.99 1.37 6.42
C ALA A 95 -2.00 2.39 5.89
N THR A 96 -2.31 2.31 4.60
CA THR A 96 -3.21 3.29 4.00
C THR A 96 -4.64 3.19 4.52
N THR A 97 -5.09 1.98 4.89
CA THR A 97 -6.44 1.82 5.43
C THR A 97 -6.55 2.52 6.79
N LYS A 98 -5.55 2.31 7.63
CA LYS A 98 -5.52 2.96 8.92
C LYS A 98 -5.53 4.49 8.73
N ALA A 99 -4.75 4.97 7.79
CA ALA A 99 -4.66 6.41 7.53
C ALA A 99 -5.98 6.99 6.99
N ALA A 100 -6.65 6.25 6.11
CA ALA A 100 -7.96 6.66 5.60
C ALA A 100 -9.02 6.72 6.70
N ALA A 101 -8.88 5.86 7.70
CA ALA A 101 -9.81 5.84 8.84
C ALA A 101 -9.50 6.98 9.80
N LEU A 102 -8.22 7.11 10.15
CA LEU A 102 -7.81 8.16 11.08
C LEU A 102 -8.13 9.55 10.56
N GLN A 103 -8.09 9.72 9.24
CA GLN A 103 -8.28 11.02 8.64
C GLN A 103 -9.66 11.16 8.00
N TYR A 104 -10.55 10.22 8.28
CA TYR A 104 -11.88 10.21 7.67
C TYR A 104 -12.69 11.46 8.07
N PRO A 105 -13.39 12.08 7.10
CA PRO A 105 -13.39 11.76 5.67
C PRO A 105 -12.30 12.51 4.93
N SER A 106 -11.44 11.78 4.23
CA SER A 106 -10.39 12.38 3.41
C SER A 106 -10.30 11.70 2.06
N PRO A 107 -10.72 12.41 0.99
CA PRO A 107 -10.72 11.87 -0.38
C PRO A 107 -9.34 11.43 -0.85
N SER A 108 -8.29 12.16 -0.47
CA SER A 108 -6.91 11.81 -0.80
C SER A 108 -6.42 10.55 -0.07
N ALA A 109 -6.71 10.47 1.22
CA ALA A 109 -6.39 9.30 2.02
C ALA A 109 -7.08 8.07 1.43
N ALA A 110 -8.33 8.24 1.01
CA ALA A 110 -9.08 7.12 0.44
C ALA A 110 -8.49 6.71 -0.90
N GLN A 111 -8.03 7.68 -1.69
CA GLN A 111 -7.52 7.37 -3.02
C GLN A 111 -6.18 6.66 -2.91
N ASP A 112 -5.40 7.00 -1.90
CA ASP A 112 -4.16 6.28 -1.59
C ASP A 112 -4.44 4.79 -1.29
N MET A 113 -5.43 4.56 -0.44
CA MET A 113 -5.85 3.20 -0.08
C MET A 113 -6.33 2.46 -1.33
N VAL A 114 -7.23 3.10 -2.08
CA VAL A 114 -7.72 2.53 -3.33
C VAL A 114 -6.60 2.16 -4.32
N ASP A 115 -5.56 2.98 -4.37
CA ASP A 115 -4.43 2.77 -5.26
C ASP A 115 -3.61 1.53 -4.86
N ARG A 116 -3.39 1.34 -3.56
CA ARG A 116 -2.64 0.17 -3.09
C ARG A 116 -3.44 -1.09 -3.41
N VAL A 117 -4.75 -1.03 -3.22
CA VAL A 117 -5.58 -2.20 -3.51
C VAL A 117 -5.59 -2.49 -5.01
N LYS A 118 -5.68 -1.44 -5.84
CA LYS A 118 -5.57 -1.63 -7.30
C LYS A 118 -4.25 -2.29 -7.70
N GLU A 119 -3.16 -1.80 -7.12
CA GLU A 119 -1.84 -2.34 -7.39
C GLU A 119 -1.74 -3.80 -6.96
N LEU A 120 -2.37 -4.13 -5.83
CA LEU A 120 -2.46 -5.52 -5.40
C LEU A 120 -3.21 -6.38 -6.40
N GLY A 121 -4.37 -5.93 -6.86
CA GLY A 121 -5.11 -6.64 -7.90
C GLY A 121 -4.29 -6.94 -9.15
N HIS A 122 -3.62 -5.92 -9.66
CA HIS A 122 -2.74 -6.07 -10.80
C HIS A 122 -1.60 -7.05 -10.55
N SER A 123 -0.95 -6.92 -9.40
CA SER A 123 0.23 -7.73 -9.11
C SER A 123 -0.13 -9.20 -8.91
N THR A 124 -1.32 -9.47 -8.35
CA THR A 124 -1.75 -10.85 -8.15
C THR A 124 -2.13 -11.52 -9.47
N GLN A 125 -2.75 -10.76 -10.36
CA GLN A 125 -3.03 -11.25 -11.71
C GLN A 125 -1.75 -11.57 -12.46
N GLN A 126 -0.75 -10.71 -12.25
CA GLN A 126 0.54 -10.89 -12.87
C GLN A 126 1.25 -12.14 -12.32
N PHE A 127 1.18 -12.33 -11.00
CA PHE A 127 1.69 -13.54 -10.35
C PHE A 127 1.10 -14.80 -11.00
N ARG A 128 -0.21 -14.80 -11.15
CA ARG A 128 -0.89 -15.96 -11.73
C ARG A 128 -0.46 -16.18 -13.19
N ARG A 129 -0.34 -15.09 -13.95
CA ARG A 129 0.12 -15.19 -15.33
C ARG A 129 1.51 -15.83 -15.42
N VAL A 130 2.42 -15.37 -14.58
CA VAL A 130 3.76 -15.93 -14.51
C VAL A 130 3.80 -17.41 -14.12
N LEU A 131 2.97 -17.83 -13.16
CA LEU A 131 2.86 -19.26 -12.84
C LEU A 131 2.47 -20.08 -14.07
N GLY A 132 1.55 -19.57 -14.87
CA GLY A 132 1.11 -20.27 -16.06
C GLY A 132 2.24 -20.38 -17.07
N GLN A 133 3.03 -19.32 -17.15
CA GLN A 133 4.21 -19.26 -18.02
C GLN A 133 5.33 -20.18 -17.55
N LEU A 134 5.47 -20.30 -16.24
CA LEU A 134 6.50 -21.15 -15.69
C LEU A 134 6.09 -22.60 -15.89
N ALA A 135 4.78 -22.85 -15.80
CA ALA A 135 4.27 -24.22 -15.86
C ALA A 135 4.29 -24.73 -17.30
N ALA A 136 4.46 -23.80 -18.24
CA ALA A 136 4.60 -24.13 -19.64
C ALA A 136 6.06 -24.08 -20.06
N GLY B 4 25.37 4.77 -2.44
CA GLY B 4 26.60 5.29 -3.01
C GLY B 4 26.32 6.29 -4.13
N PRO B 5 27.10 7.39 -4.18
CA PRO B 5 26.89 8.52 -5.09
C PRO B 5 26.80 8.13 -6.57
N SER B 6 27.68 7.26 -7.08
CA SER B 6 27.59 6.82 -8.47
C SER B 6 26.21 6.28 -8.79
N ASP B 7 25.83 5.22 -8.07
CA ASP B 7 24.57 4.52 -8.30
C ASP B 7 23.38 5.43 -8.07
N ARG B 8 23.49 6.29 -7.08
CA ARG B 8 22.37 7.15 -6.75
C ARG B 8 22.11 8.23 -7.80
N GLN B 9 23.16 8.90 -8.30
CA GLN B 9 22.98 9.87 -9.39
C GLN B 9 22.54 9.19 -10.69
N LEU B 10 23.03 7.98 -10.91
CA LEU B 10 22.64 7.20 -12.08
C LEU B 10 21.13 6.97 -12.07
N LEU B 11 20.61 6.56 -10.92
CA LEU B 11 19.17 6.33 -10.77
C LEU B 11 18.36 7.61 -10.92
N LEU B 12 18.84 8.69 -10.32
CA LEU B 12 18.15 9.98 -10.42
C LEU B 12 18.08 10.44 -11.87
N PHE B 13 19.14 10.18 -12.64
CA PHE B 13 19.15 10.57 -14.04
C PHE B 13 18.08 9.81 -14.81
N TYR B 14 18.04 8.50 -14.62
CA TYR B 14 17.06 7.71 -15.38
C TYR B 14 15.64 7.89 -14.86
N LEU B 15 15.50 8.26 -13.60
CA LEU B 15 14.19 8.61 -13.06
C LEU B 15 13.66 9.83 -13.80
N GLU B 16 14.54 10.78 -14.07
CA GLU B 16 14.14 11.96 -14.83
C GLU B 16 13.85 11.59 -16.30
N GLN B 17 14.74 10.83 -16.92
CA GLN B 17 14.51 10.33 -18.28
C GLN B 17 13.16 9.60 -18.38
N ALA B 18 12.88 8.78 -17.38
CA ALA B 18 11.68 7.96 -17.39
C ALA B 18 10.38 8.76 -17.24
N GLU B 19 10.40 9.85 -16.50
CA GLU B 19 9.14 10.55 -16.26
C GLU B 19 8.63 11.22 -17.56
N ALA B 20 9.53 11.78 -18.37
CA ALA B 20 9.10 12.26 -19.68
C ALA B 20 8.65 11.07 -20.53
N ASN B 21 9.36 9.95 -20.46
CA ASN B 21 8.94 8.74 -21.18
C ASN B 21 7.55 8.27 -20.74
N LEU B 22 7.29 8.29 -19.44
CA LEU B 22 6.00 7.80 -18.95
C LEU B 22 4.87 8.75 -19.29
N THR B 23 5.19 10.04 -19.35
CA THR B 23 4.20 11.04 -19.77
C THR B 23 3.72 10.73 -21.16
N THR B 24 4.65 10.43 -22.06
CA THR B 24 4.28 10.09 -23.42
C THR B 24 3.61 8.71 -23.46
N LEU B 25 4.07 7.76 -22.65
CA LEU B 25 3.41 6.44 -22.62
C LEU B 25 1.95 6.61 -22.18
N THR B 26 1.74 7.39 -21.12
CA THR B 26 0.40 7.64 -20.64
C THR B 26 -0.49 8.22 -21.73
N ASP B 27 0.03 9.23 -22.44
CA ASP B 27 -0.72 9.80 -23.55
C ASP B 27 -0.97 8.74 -24.65
N ALA B 28 0.04 7.92 -24.95
CA ALA B 28 -0.08 6.92 -26.01
C ALA B 28 -1.12 5.84 -25.66
N VAL B 29 -1.13 5.42 -24.40
CA VAL B 29 -2.11 4.43 -23.96
C VAL B 29 -3.53 5.00 -24.01
N ASP B 30 -3.69 6.22 -23.52
CA ASP B 30 -4.99 6.88 -23.55
C ASP B 30 -5.52 7.04 -24.97
N ALA B 31 -4.64 7.38 -25.92
CA ALA B 31 -5.06 7.48 -27.31
C ALA B 31 -5.46 6.10 -27.86
N PHE B 32 -4.80 5.05 -27.37
CA PHE B 32 -5.10 3.68 -27.79
C PHE B 32 -6.50 3.25 -27.32
N PHE B 33 -6.78 3.40 -26.03
CA PHE B 33 -8.08 3.06 -25.46
C PHE B 33 -9.23 3.79 -26.19
N THR B 34 -9.02 5.05 -26.51
CA THR B 34 -10.03 5.83 -27.22
C THR B 34 -10.31 5.24 -28.60
N ALA B 35 -9.27 4.76 -29.28
CA ALA B 35 -9.42 4.08 -30.55
C ALA B 35 -10.28 2.81 -30.42
N VAL B 36 -10.01 2.02 -29.38
CA VAL B 36 -10.77 0.78 -29.21
C VAL B 36 -12.19 1.10 -28.75
N ALA B 37 -12.32 2.03 -27.81
CA ALA B 37 -13.62 2.44 -27.28
C ALA B 37 -14.58 2.94 -28.35
N THR B 38 -14.06 3.59 -29.39
CA THR B 38 -14.90 4.08 -30.48
C THR B 38 -14.93 3.12 -31.69
N ASN B 39 -14.58 1.86 -31.44
CA ASN B 39 -14.57 0.81 -32.47
C ASN B 39 -13.90 1.21 -33.78
N GLN B 40 -12.68 1.73 -33.68
CA GLN B 40 -11.89 2.06 -34.86
C GLN B 40 -11.32 0.80 -35.49
N PRO B 41 -11.16 0.81 -36.82
CA PRO B 41 -10.58 -0.31 -37.57
C PRO B 41 -9.10 -0.56 -37.21
N PRO B 42 -8.57 -1.74 -37.57
CA PRO B 42 -7.15 -2.07 -37.39
C PRO B 42 -6.21 -1.01 -37.94
N LYS B 43 -6.51 -0.42 -39.10
CA LYS B 43 -5.60 0.62 -39.64
C LYS B 43 -5.32 1.68 -38.57
N ILE B 44 -6.30 1.90 -37.69
CA ILE B 44 -6.19 2.88 -36.61
C ILE B 44 -5.55 2.28 -35.36
N PHE B 45 -6.18 1.27 -34.75
CA PHE B 45 -5.70 0.84 -33.44
C PHE B 45 -4.34 0.13 -33.51
N VAL B 46 -4.02 -0.47 -34.66
CA VAL B 46 -2.69 -1.06 -34.83
C VAL B 46 -1.62 0.05 -34.82
N ALA B 47 -1.92 1.17 -35.48
CA ALA B 47 -1.02 2.33 -35.40
C ALA B 47 -0.87 2.80 -33.96
N HIS B 48 -1.99 2.93 -33.25
CA HIS B 48 -1.92 3.35 -31.85
C HIS B 48 -1.16 2.35 -31.00
N SER B 49 -1.39 1.06 -31.23
CA SER B 49 -0.66 0.01 -30.51
C SER B 49 0.85 0.08 -30.75
N LYS B 50 1.26 0.25 -32.01
CA LYS B 50 2.68 0.34 -32.29
C LYS B 50 3.32 1.52 -31.55
N PHE B 51 2.62 2.64 -31.46
CA PHE B 51 3.20 3.79 -30.71
C PHE B 51 3.29 3.54 -29.20
N VAL B 52 2.30 2.83 -28.65
CA VAL B 52 2.35 2.37 -27.27
C VAL B 52 3.58 1.53 -27.03
N ILE B 53 3.83 0.56 -27.92
CA ILE B 53 5.00 -0.30 -27.81
C ILE B 53 6.32 0.45 -27.90
N LEU B 54 6.44 1.28 -28.92
CA LEU B 54 7.62 2.12 -29.11
C LEU B 54 7.89 2.98 -27.86
N SER B 55 6.83 3.60 -27.36
CA SER B 55 6.93 4.42 -26.15
C SER B 55 7.36 3.61 -24.92
N ALA B 56 6.72 2.45 -24.71
CA ALA B 56 7.04 1.63 -23.55
C ALA B 56 8.41 1.00 -23.65
N HIS B 57 8.87 0.72 -24.87
CA HIS B 57 10.20 0.11 -25.06
C HIS B 57 11.34 1.00 -24.52
N LYS B 58 11.13 2.31 -24.51
CA LYS B 58 12.11 3.22 -23.91
C LYS B 58 12.36 2.90 -22.42
N LEU B 59 11.29 2.50 -21.73
CA LEU B 59 11.42 2.06 -20.33
C LEU B 59 12.22 0.78 -20.19
N VAL B 60 11.92 -0.18 -21.06
CA VAL B 60 12.70 -1.40 -21.14
C VAL B 60 14.18 -1.09 -21.31
N PHE B 61 14.47 -0.15 -22.22
CA PHE B 61 15.85 0.23 -22.52
C PHE B 61 16.52 0.78 -21.27
N ILE B 62 15.81 1.63 -20.54
CA ILE B 62 16.30 2.14 -19.26
C ILE B 62 16.63 1.03 -18.27
N GLY B 63 15.70 0.11 -18.06
CA GLY B 63 15.93 -1.01 -17.17
C GLY B 63 17.13 -1.82 -17.63
N ASP B 64 17.20 -2.05 -18.94
CA ASP B 64 18.33 -2.79 -19.51
C ASP B 64 19.67 -2.08 -19.26
N THR B 65 19.72 -0.79 -19.53
CA THR B 65 20.96 -0.03 -19.34
C THR B 65 21.37 -0.01 -17.86
N LEU B 66 20.40 0.19 -16.97
CA LEU B 66 20.70 0.17 -15.54
C LEU B 66 21.18 -1.20 -15.11
N SER B 67 20.70 -2.25 -15.76
CA SER B 67 21.13 -3.60 -15.41
C SER B 67 22.63 -3.75 -15.64
N ARG B 68 23.18 -2.98 -16.57
CA ARG B 68 24.61 -3.08 -16.87
C ARG B 68 25.46 -1.98 -16.24
N GLN B 69 24.91 -0.77 -16.03
CA GLN B 69 25.72 0.33 -15.52
C GLN B 69 25.69 0.47 -13.99
N ALA B 70 24.66 -0.06 -13.35
CA ALA B 70 24.55 0.04 -11.89
C ALA B 70 25.48 -0.98 -11.22
N LYS B 71 26.03 -0.59 -10.07
CA LYS B 71 26.99 -1.41 -9.34
C LYS B 71 26.35 -2.26 -8.25
N ALA B 72 25.40 -1.69 -7.52
CA ALA B 72 24.73 -2.41 -6.44
C ALA B 72 24.03 -3.66 -6.97
N ALA B 73 24.13 -4.74 -6.20
CA ALA B 73 23.52 -6.02 -6.58
C ALA B 73 22.00 -5.91 -6.57
N ASP B 74 21.48 -5.26 -5.54
CA ASP B 74 20.03 -5.08 -5.38
C ASP B 74 19.41 -4.35 -6.57
N VAL B 75 20.08 -3.30 -7.03
CA VAL B 75 19.59 -2.50 -8.15
C VAL B 75 19.51 -3.33 -9.43
N ARG B 76 20.64 -3.92 -9.82
CA ARG B 76 20.71 -4.70 -11.06
C ARG B 76 19.63 -5.76 -11.09
N SER B 77 19.46 -6.44 -9.97
CA SER B 77 18.45 -7.48 -9.82
C SER B 77 17.02 -6.98 -10.02
N GLN B 78 16.68 -5.86 -9.39
CA GLN B 78 15.33 -5.31 -9.54
C GLN B 78 15.07 -4.87 -10.98
N VAL B 79 15.99 -4.09 -11.58
CA VAL B 79 15.72 -3.56 -12.90
C VAL B 79 15.74 -4.65 -13.96
N THR B 80 16.49 -5.72 -13.70
CA THR B 80 16.51 -6.86 -14.62
C THR B 80 15.13 -7.50 -14.64
N HIS B 81 14.57 -7.73 -13.45
CA HIS B 81 13.22 -8.23 -13.32
C HIS B 81 12.23 -7.35 -14.08
N TYR B 82 12.30 -6.05 -13.94
CA TYR B 82 11.31 -5.23 -14.62
C TYR B 82 11.58 -5.12 -16.13
N SER B 83 12.84 -5.13 -16.53
CA SER B 83 13.15 -5.12 -17.95
C SER B 83 12.57 -6.37 -18.63
N ASN B 84 12.77 -7.52 -18.00
CA ASN B 84 12.23 -8.79 -18.52
C ASN B 84 10.71 -8.84 -18.54
N LEU B 85 10.11 -8.40 -17.44
CA LEU B 85 8.66 -8.35 -17.36
C LEU B 85 8.02 -7.46 -18.44
N LEU B 86 8.52 -6.23 -18.60
CA LEU B 86 8.01 -5.31 -19.60
C LEU B 86 8.20 -5.86 -21.01
N SER B 87 9.34 -6.50 -21.24
CA SER B 87 9.65 -7.05 -22.56
C SER B 87 8.63 -8.14 -22.90
N ASP B 88 8.27 -8.93 -21.90
CA ASP B 88 7.29 -10.00 -22.12
C ASP B 88 5.92 -9.41 -22.39
N LEU B 89 5.59 -8.33 -21.67
CA LEU B 89 4.32 -7.65 -21.89
C LEU B 89 4.22 -7.03 -23.28
N LEU B 90 5.32 -6.45 -23.78
CA LEU B 90 5.32 -5.89 -25.13
C LEU B 90 5.10 -7.00 -26.19
N ARG B 91 5.71 -8.16 -25.97
CA ARG B 91 5.45 -9.29 -26.87
C ARG B 91 3.99 -9.68 -26.83
N GLY B 92 3.39 -9.61 -25.64
CA GLY B 92 1.98 -9.92 -25.50
C GLY B 92 1.09 -8.89 -26.17
N ILE B 93 1.51 -7.64 -26.17
CA ILE B 93 0.74 -6.61 -26.84
C ILE B 93 0.83 -6.81 -28.35
N VAL B 94 2.01 -7.18 -28.83
CA VAL B 94 2.18 -7.46 -30.26
C VAL B 94 1.26 -8.63 -30.65
N ALA B 95 1.33 -9.73 -29.90
CA ALA B 95 0.50 -10.91 -30.17
C ALA B 95 -1.00 -10.60 -30.20
N THR B 96 -1.50 -9.92 -29.17
CA THR B 96 -2.92 -9.68 -29.06
C THR B 96 -3.42 -8.62 -30.05
N THR B 97 -2.55 -7.67 -30.41
CA THR B 97 -2.91 -6.66 -31.40
C THR B 97 -3.08 -7.31 -32.76
N LYS B 98 -2.17 -8.21 -33.10
CA LYS B 98 -2.26 -8.98 -34.34
C LYS B 98 -3.54 -9.82 -34.37
N ALA B 99 -3.85 -10.48 -33.26
CA ALA B 99 -5.04 -11.32 -33.18
C ALA B 99 -6.31 -10.49 -33.32
N ALA B 100 -6.31 -9.30 -32.71
CA ALA B 100 -7.47 -8.42 -32.84
C ALA B 100 -7.67 -7.90 -34.27
N ALA B 101 -6.57 -7.73 -35.02
CA ALA B 101 -6.65 -7.31 -36.41
C ALA B 101 -7.10 -8.48 -37.28
N LEU B 102 -6.43 -9.62 -37.11
CA LEU B 102 -6.78 -10.83 -37.87
C LEU B 102 -8.24 -11.27 -37.70
N GLN B 103 -8.78 -11.05 -36.50
CA GLN B 103 -10.13 -11.50 -36.18
C GLN B 103 -11.12 -10.35 -36.17
N TYR B 104 -10.70 -9.20 -36.70
CA TYR B 104 -11.57 -8.03 -36.71
C TYR B 104 -12.85 -8.24 -37.51
N PRO B 105 -14.01 -7.83 -36.95
CA PRO B 105 -14.12 -7.26 -35.61
C PRO B 105 -14.44 -8.32 -34.55
N SER B 106 -13.70 -8.31 -33.46
CA SER B 106 -13.88 -9.30 -32.41
C SER B 106 -13.81 -8.61 -31.05
N PRO B 107 -14.96 -8.49 -30.38
CA PRO B 107 -14.93 -7.91 -29.03
C PRO B 107 -14.02 -8.67 -28.08
N SER B 108 -14.00 -10.00 -28.12
CA SER B 108 -13.12 -10.75 -27.23
C SER B 108 -11.63 -10.48 -27.52
N ALA B 109 -11.25 -10.46 -28.80
CA ALA B 109 -9.87 -10.17 -29.16
C ALA B 109 -9.49 -8.74 -28.76
N ALA B 110 -10.42 -7.81 -28.96
CA ALA B 110 -10.17 -6.41 -28.60
C ALA B 110 -9.94 -6.27 -27.09
N GLN B 111 -10.61 -7.10 -26.29
CA GLN B 111 -10.44 -7.03 -24.84
C GLN B 111 -9.10 -7.59 -24.39
N ASP B 112 -8.69 -8.71 -24.97
CA ASP B 112 -7.37 -9.28 -24.68
C ASP B 112 -6.31 -8.21 -24.90
N MET B 113 -6.41 -7.54 -26.04
CA MET B 113 -5.49 -6.44 -26.37
C MET B 113 -5.50 -5.33 -25.32
N VAL B 114 -6.69 -4.83 -25.02
CA VAL B 114 -6.89 -3.78 -24.03
C VAL B 114 -6.37 -4.18 -22.65
N ASP B 115 -6.68 -5.39 -22.21
CA ASP B 115 -6.18 -5.88 -20.92
C ASP B 115 -4.64 -5.89 -20.88
N ARG B 116 -4.00 -6.27 -21.98
CA ARG B 116 -2.56 -6.38 -21.96
C ARG B 116 -1.91 -5.00 -21.89
N VAL B 117 -2.57 -4.02 -22.49
CA VAL B 117 -2.09 -2.63 -22.48
C VAL B 117 -2.33 -2.00 -21.09
N LYS B 118 -3.44 -2.34 -20.46
CA LYS B 118 -3.65 -1.96 -19.06
C LYS B 118 -2.59 -2.53 -18.12
N GLU B 119 -2.24 -3.81 -18.31
CA GLU B 119 -1.20 -4.44 -17.48
C GLU B 119 0.15 -3.79 -17.66
N LEU B 120 0.44 -3.37 -18.89
CA LEU B 120 1.67 -2.67 -19.21
C LEU B 120 1.75 -1.34 -18.42
N GLY B 121 0.65 -0.60 -18.42
CA GLY B 121 0.56 0.64 -17.68
C GLY B 121 0.80 0.50 -16.19
N HIS B 122 0.25 -0.54 -15.59
CA HIS B 122 0.45 -0.78 -14.15
C HIS B 122 1.90 -1.16 -13.89
N SER B 123 2.47 -1.98 -14.78
CA SER B 123 3.83 -2.48 -14.59
C SER B 123 4.88 -1.38 -14.75
N THR B 124 4.63 -0.46 -15.68
CA THR B 124 5.57 0.63 -15.91
C THR B 124 5.54 1.61 -14.73
N GLN B 125 4.35 1.85 -14.19
CA GLN B 125 4.24 2.66 -12.97
C GLN B 125 4.89 1.97 -11.78
N GLN B 126 4.71 0.65 -11.66
CA GLN B 126 5.35 -0.08 -10.58
C GLN B 126 6.87 0.02 -10.71
N PHE B 127 7.37 -0.12 -11.93
CA PHE B 127 8.80 0.02 -12.23
C PHE B 127 9.31 1.38 -11.78
N ARG B 128 8.58 2.43 -12.11
CA ARG B 128 8.97 3.78 -11.74
C ARG B 128 9.07 3.92 -10.23
N ARG B 129 8.05 3.40 -9.53
CA ARG B 129 8.01 3.42 -8.06
CA ARG B 129 8.03 3.43 -8.07
C ARG B 129 9.25 2.76 -7.47
N VAL B 130 9.61 1.59 -7.99
CA VAL B 130 10.75 0.85 -7.50
C VAL B 130 12.06 1.63 -7.67
N LEU B 131 12.24 2.24 -8.84
CA LEU B 131 13.40 3.08 -9.08
C LEU B 131 13.46 4.21 -8.05
N GLY B 132 12.30 4.79 -7.78
CA GLY B 132 12.18 5.89 -6.84
C GLY B 132 12.58 5.47 -5.45
N GLN B 133 12.10 4.30 -5.03
CA GLN B 133 12.46 3.73 -3.74
C GLN B 133 13.94 3.39 -3.69
N LEU B 134 14.46 2.81 -4.76
CA LEU B 134 15.88 2.47 -4.83
C LEU B 134 16.79 3.69 -4.72
N ALA B 135 16.41 4.78 -5.38
CA ALA B 135 17.20 6.00 -5.37
C ALA B 135 17.23 6.61 -3.97
N ALA B 136 16.16 6.36 -3.21
CA ALA B 136 16.10 6.69 -1.79
C ALA B 136 16.38 5.43 -0.97
N ASP C 7 15.76 16.90 47.60
CA ASP C 7 14.44 16.38 47.26
C ASP C 7 13.37 17.47 47.34
N ARG C 8 13.49 18.33 48.34
CA ARG C 8 12.48 19.35 48.59
C ARG C 8 12.35 20.36 47.44
N GLN C 9 13.46 21.04 47.14
CA GLN C 9 13.45 22.10 46.14
C GLN C 9 13.15 21.57 44.74
N LEU C 10 13.52 20.32 44.49
CA LEU C 10 13.25 19.68 43.20
C LEU C 10 11.75 19.53 42.96
N LEU C 11 11.01 19.15 44.00
CA LEU C 11 9.57 18.94 43.89
C LEU C 11 8.83 20.26 43.60
N LEU C 12 9.15 21.31 44.34
CA LEU C 12 8.54 22.62 44.13
C LEU C 12 8.86 23.16 42.73
N PHE C 13 9.93 22.66 42.15
CA PHE C 13 10.33 23.05 40.80
C PHE C 13 9.43 22.39 39.75
N TYR C 14 9.26 21.08 39.85
CA TYR C 14 8.43 20.35 38.90
C TYR C 14 6.95 20.51 39.16
N LEU C 15 6.57 20.74 40.42
CA LEU C 15 5.18 21.03 40.76
C LEU C 15 4.73 22.28 40.04
N GLU C 16 5.62 23.27 40.01
CA GLU C 16 5.35 24.50 39.29
C GLU C 16 5.27 24.21 37.80
N GLN C 17 6.04 23.21 37.37
CA GLN C 17 6.09 22.80 35.97
C GLN C 17 4.85 21.98 35.58
N ALA C 18 4.40 21.14 36.50
CA ALA C 18 3.18 20.36 36.30
C ALA C 18 1.94 21.26 36.26
N GLU C 19 1.96 22.33 37.06
CA GLU C 19 0.86 23.29 37.07
C GLU C 19 0.89 24.11 35.78
N ALA C 20 2.02 24.10 35.10
CA ALA C 20 2.19 24.87 33.88
C ALA C 20 1.67 24.13 32.64
N ASN C 21 1.02 22.99 32.84
CA ASN C 21 0.58 22.17 31.72
C ASN C 21 -0.88 21.75 31.81
N LEU C 22 -1.49 22.02 32.96
CA LEU C 22 -2.88 21.60 33.19
C LEU C 22 -3.90 22.49 32.49
N THR C 23 -3.60 23.77 32.35
CA THR C 23 -4.53 24.70 31.72
C THR C 23 -4.69 24.38 30.24
N THR C 24 -3.57 24.14 29.57
CA THR C 24 -3.56 23.72 28.18
C THR C 24 -4.23 22.35 28.02
N LEU C 25 -3.92 21.44 28.94
CA LEU C 25 -4.55 20.12 28.96
C LEU C 25 -6.06 20.22 29.18
N THR C 26 -6.47 21.08 30.13
CA THR C 26 -7.89 21.26 30.41
C THR C 26 -8.60 21.79 29.18
N ASP C 27 -7.95 22.71 28.46
CA ASP C 27 -8.54 23.27 27.25
C ASP C 27 -8.62 22.23 26.14
N ALA C 28 -7.63 21.34 26.11
CA ALA C 28 -7.57 20.29 25.09
C ALA C 28 -8.64 19.23 25.36
N VAL C 29 -8.73 18.78 26.61
CA VAL C 29 -9.74 17.80 26.98
C VAL C 29 -11.16 18.34 26.72
N ASP C 30 -11.43 19.56 27.18
CA ASP C 30 -12.74 20.15 27.00
C ASP C 30 -13.09 20.32 25.52
N ALA C 31 -12.10 20.70 24.71
CA ALA C 31 -12.28 20.87 23.26
C ALA C 31 -12.45 19.53 22.54
N PHE C 32 -11.84 18.49 23.10
CA PHE C 32 -12.02 17.14 22.59
C PHE C 32 -13.44 16.65 22.84
N PHE C 33 -13.89 16.80 24.09
CA PHE C 33 -15.23 16.42 24.49
C PHE C 33 -16.26 17.10 23.61
N THR C 34 -15.93 18.33 23.22
CA THR C 34 -16.76 19.10 22.31
C THR C 34 -16.90 18.40 20.96
N ALA C 35 -15.76 18.01 20.39
CA ALA C 35 -15.73 17.35 19.09
C ALA C 35 -16.62 16.12 19.06
N VAL C 36 -16.43 15.24 20.04
CA VAL C 36 -17.22 14.02 20.12
C VAL C 36 -18.68 14.32 20.41
N ALA C 37 -18.94 15.31 21.26
CA ALA C 37 -20.30 15.67 21.66
C ALA C 37 -21.16 16.02 20.44
N THR C 38 -20.57 16.75 19.49
CA THR C 38 -21.29 17.16 18.29
C THR C 38 -21.09 16.20 17.12
N ASN C 39 -20.51 15.03 17.40
CA ASN C 39 -20.29 13.98 16.40
C ASN C 39 -19.45 14.46 15.22
N GLN C 40 -18.23 14.90 15.50
CA GLN C 40 -17.30 15.27 14.45
C GLN C 40 -16.48 14.03 14.07
N PRO C 41 -16.15 13.89 12.78
CA PRO C 41 -15.53 12.67 12.23
C PRO C 41 -14.12 12.46 12.77
N PRO C 42 -13.49 11.31 12.44
CA PRO C 42 -12.14 11.08 12.96
C PRO C 42 -11.12 12.17 12.59
N LYS C 43 -11.29 12.81 11.43
CA LYS C 43 -10.37 13.86 10.98
C LYS C 43 -10.23 14.88 12.09
N ILE C 44 -11.36 15.14 12.76
CA ILE C 44 -11.40 16.10 13.86
C ILE C 44 -11.00 15.48 15.19
N PHE C 45 -11.71 14.45 15.65
CA PHE C 45 -11.47 14.02 17.03
C PHE C 45 -10.13 13.30 17.22
N VAL C 46 -9.55 12.76 16.15
CA VAL C 46 -8.23 12.13 16.28
C VAL C 46 -7.17 13.24 16.48
N ALA C 47 -7.33 14.37 15.81
CA ALA C 47 -6.41 15.49 16.00
C ALA C 47 -6.48 15.98 17.45
N HIS C 48 -7.70 16.27 17.91
CA HIS C 48 -7.95 16.68 19.29
C HIS C 48 -7.43 15.68 20.31
N SER C 49 -7.57 14.40 19.98
CA SER C 49 -7.09 13.36 20.87
C SER C 49 -5.58 13.44 21.03
N LYS C 50 -4.88 13.64 19.93
CA LYS C 50 -3.43 13.76 19.96
C LYS C 50 -2.97 14.96 20.80
N PHE C 51 -3.69 16.06 20.70
CA PHE C 51 -3.39 17.25 21.50
C PHE C 51 -3.54 16.95 23.00
N VAL C 52 -4.47 16.09 23.36
CA VAL C 52 -4.63 15.69 24.76
C VAL C 52 -3.44 14.88 25.24
N ILE C 53 -3.03 13.89 24.44
CA ILE C 53 -1.95 13.01 24.83
C ILE C 53 -0.63 13.75 24.92
N LEU C 54 -0.41 14.64 23.95
CA LEU C 54 0.76 15.51 23.91
C LEU C 54 0.90 16.29 25.22
N SER C 55 -0.18 16.95 25.62
CA SER C 55 -0.17 17.75 26.85
C SER C 55 0.08 16.87 28.07
N ALA C 56 -0.66 15.76 28.15
CA ALA C 56 -0.60 14.87 29.29
C ALA C 56 0.77 14.22 29.43
N HIS C 57 1.43 13.99 28.30
CA HIS C 57 2.72 13.30 28.32
C HIS C 57 3.84 14.12 28.97
N LYS C 58 3.66 15.45 29.05
CA LYS C 58 4.67 16.30 29.67
C LYS C 58 4.79 15.92 31.13
N LEU C 59 3.64 15.65 31.73
CA LEU C 59 3.54 15.17 33.10
C LEU C 59 4.28 13.86 33.31
N VAL C 60 4.12 12.93 32.37
CA VAL C 60 4.84 11.66 32.45
C VAL C 60 6.34 11.93 32.44
N PHE C 61 6.73 12.82 31.54
CA PHE C 61 8.12 13.24 31.38
C PHE C 61 8.67 13.90 32.65
N ILE C 62 7.81 14.67 33.33
CA ILE C 62 8.17 15.27 34.61
C ILE C 62 8.48 14.20 35.64
N GLY C 63 7.52 13.30 35.86
CA GLY C 63 7.67 12.24 36.83
C GLY C 63 8.87 11.37 36.57
N ASP C 64 9.13 11.11 35.30
CA ASP C 64 10.24 10.25 34.89
C ASP C 64 11.59 10.76 35.39
N THR C 65 11.85 12.06 35.18
CA THR C 65 13.07 12.70 35.66
C THR C 65 13.26 12.47 37.16
N LEU C 66 12.25 12.86 37.94
CA LEU C 66 12.21 12.54 39.37
C LEU C 66 12.34 11.04 39.57
N VAL C 75 10.58 8.36 47.54
CA VAL C 75 10.08 9.45 46.70
C VAL C 75 10.11 9.08 45.23
N ARG C 76 11.25 8.56 44.77
CA ARG C 76 11.35 8.04 43.42
C ARG C 76 10.31 6.93 43.26
N SER C 77 10.12 6.16 44.33
CA SER C 77 9.19 5.04 44.33
C SER C 77 7.76 5.51 44.04
N GLN C 78 7.33 6.56 44.74
CA GLN C 78 5.97 7.07 44.57
C GLN C 78 5.78 7.64 43.16
N VAL C 79 6.70 8.49 42.73
CA VAL C 79 6.56 9.15 41.43
C VAL C 79 6.73 8.16 40.28
N THR C 80 7.47 7.08 40.53
CA THR C 80 7.58 5.99 39.56
C THR C 80 6.20 5.39 39.34
N HIS C 81 5.49 5.15 40.44
CA HIS C 81 4.17 4.55 40.41
C HIS C 81 3.22 5.36 39.54
N TYR C 82 3.27 6.68 39.65
CA TYR C 82 2.29 7.53 38.98
C TYR C 82 2.66 7.80 37.53
N SER C 83 3.96 7.86 37.25
CA SER C 83 4.42 7.98 35.87
C SER C 83 3.93 6.79 35.04
N ASN C 84 4.04 5.60 35.61
CA ASN C 84 3.56 4.40 34.95
C ASN C 84 2.05 4.39 34.82
N LEU C 85 1.36 4.96 35.82
CA LEU C 85 -0.09 5.09 35.77
C LEU C 85 -0.55 5.87 34.56
N LEU C 86 -0.05 7.10 34.44
CA LEU C 86 -0.41 7.98 33.34
C LEU C 86 0.03 7.39 32.00
N SER C 87 1.20 6.75 31.98
CA SER C 87 1.72 6.15 30.77
C SER C 87 0.70 5.16 30.21
N ASP C 88 0.17 4.33 31.11
CA ASP C 88 -0.84 3.34 30.77
C ASP C 88 -2.12 4.00 30.29
N LEU C 89 -2.56 5.05 30.98
CA LEU C 89 -3.75 5.79 30.59
C LEU C 89 -3.60 6.42 29.20
N LEU C 90 -2.40 6.88 28.87
CA LEU C 90 -2.13 7.48 27.56
C LEU C 90 -2.22 6.44 26.44
N ARG C 91 -1.62 5.28 26.65
CA ARG C 91 -1.77 4.12 25.76
C ARG C 91 -3.22 3.77 25.52
N GLY C 92 -4.02 3.81 26.58
CA GLY C 92 -5.43 3.52 26.50
C GLY C 92 -6.18 4.52 25.65
N ILE C 93 -5.75 5.78 25.72
CA ILE C 93 -6.40 6.80 24.91
C ILE C 93 -6.02 6.59 23.43
N VAL C 94 -4.77 6.22 23.19
CA VAL C 94 -4.31 5.91 21.84
C VAL C 94 -5.09 4.74 21.27
N ALA C 95 -5.18 3.66 22.04
CA ALA C 95 -5.87 2.45 21.59
C ALA C 95 -7.34 2.72 21.31
N THR C 96 -8.02 3.41 22.23
CA THR C 96 -9.46 3.65 22.10
C THR C 96 -9.75 4.69 21.01
N THR C 97 -8.84 5.63 20.80
CA THR C 97 -8.99 6.55 19.70
C THR C 97 -8.88 5.83 18.36
N LYS C 98 -7.86 4.98 18.23
CA LYS C 98 -7.65 4.22 17.01
C LYS C 98 -8.87 3.35 16.70
N ALA C 99 -9.40 2.73 17.75
CA ALA C 99 -10.59 1.88 17.62
C ALA C 99 -11.80 2.69 17.20
N ALA C 100 -11.94 3.90 17.76
CA ALA C 100 -13.09 4.73 17.40
C ALA C 100 -13.00 5.21 15.96
N ALA C 101 -11.79 5.42 15.46
CA ALA C 101 -11.61 5.86 14.09
C ALA C 101 -11.87 4.69 13.12
N LEU C 102 -11.24 3.56 13.40
CA LEU C 102 -11.42 2.35 12.60
C LEU C 102 -12.87 1.88 12.51
N GLN C 103 -13.60 2.04 13.61
CA GLN C 103 -14.99 1.58 13.66
C GLN C 103 -16.02 2.70 13.45
N TYR C 104 -15.57 3.87 12.99
CA TYR C 104 -16.46 5.01 12.82
C TYR C 104 -17.53 4.82 11.73
N PRO C 105 -18.79 5.17 12.04
CA PRO C 105 -19.31 5.68 13.32
C PRO C 105 -19.73 4.58 14.30
N SER C 106 -19.11 4.59 15.48
CA SER C 106 -19.46 3.67 16.55
C SER C 106 -19.71 4.44 17.83
N PRO C 107 -20.97 4.49 18.28
CA PRO C 107 -21.26 5.21 19.53
C PRO C 107 -20.56 4.55 20.72
N SER C 108 -20.40 3.24 20.68
CA SER C 108 -19.77 2.50 21.78
C SER C 108 -18.25 2.67 21.83
N ALA C 109 -17.61 2.70 20.66
CA ALA C 109 -16.18 2.95 20.59
C ALA C 109 -15.89 4.37 21.03
N ALA C 110 -16.75 5.29 20.60
CA ALA C 110 -16.66 6.68 20.99
C ALA C 110 -16.70 6.80 22.52
N GLN C 111 -17.71 6.20 23.14
CA GLN C 111 -17.82 6.15 24.60
C GLN C 111 -16.55 5.64 25.29
N ASP C 112 -15.99 4.54 24.80
CA ASP C 112 -14.76 3.99 25.41
C ASP C 112 -13.62 5.01 25.35
N MET C 113 -13.67 5.86 24.33
CA MET C 113 -12.66 6.88 24.12
C MET C 113 -12.91 8.06 25.07
N VAL C 114 -14.15 8.53 25.08
CA VAL C 114 -14.57 9.60 25.98
C VAL C 114 -14.34 9.20 27.43
N ASP C 115 -14.70 7.96 27.77
CA ASP C 115 -14.52 7.47 29.13
C ASP C 115 -13.05 7.46 29.53
N ARG C 116 -12.17 7.12 28.59
CA ARG C 116 -10.74 7.07 28.90
C ARG C 116 -10.18 8.50 29.03
N VAL C 117 -10.81 9.48 28.39
CA VAL C 117 -10.36 10.86 28.47
C VAL C 117 -10.91 11.54 29.74
N LYS C 118 -12.17 11.24 30.07
CA LYS C 118 -12.77 11.64 31.35
C LYS C 118 -11.90 11.17 32.51
N GLU C 119 -11.45 9.92 32.37
CA GLU C 119 -10.59 9.27 33.33
C GLU C 119 -9.30 10.03 33.50
N LEU C 120 -8.66 10.36 32.38
CA LEU C 120 -7.36 11.01 32.38
C LEU C 120 -7.39 12.27 33.21
N GLY C 121 -8.48 13.03 33.08
CA GLY C 121 -8.67 14.24 33.88
C GLY C 121 -8.52 14.00 35.37
N HIS C 122 -9.20 12.98 35.88
CA HIS C 122 -9.17 12.68 37.31
C HIS C 122 -7.77 12.26 37.75
N SER C 123 -7.07 11.50 36.93
CA SER C 123 -5.76 10.99 37.28
C SER C 123 -4.65 12.05 37.20
N THR C 124 -4.83 13.09 36.41
CA THR C 124 -3.83 14.16 36.36
C THR C 124 -3.95 15.04 37.61
N GLN C 125 -5.18 15.52 37.88
CA GLN C 125 -5.50 16.27 39.10
C GLN C 125 -4.94 15.60 40.35
N GLN C 126 -5.02 14.28 40.36
CA GLN C 126 -4.49 13.46 41.45
C GLN C 126 -2.97 13.56 41.53
N PHE C 127 -2.32 13.41 40.38
CA PHE C 127 -0.87 13.55 40.28
C PHE C 127 -0.39 14.91 40.82
N ARG C 128 -1.19 15.95 40.59
CA ARG C 128 -0.84 17.29 41.04
C ARG C 128 -0.84 17.37 42.57
N ARG C 129 -1.93 16.91 43.17
CA ARG C 129 -2.08 16.92 44.62
C ARG C 129 -0.97 16.13 45.32
N VAL C 130 -0.62 14.97 44.76
CA VAL C 130 0.42 14.13 45.34
C VAL C 130 1.80 14.77 45.21
N MET D 1 6.88 -13.21 3.99
CA MET D 1 5.47 -13.38 4.28
C MET D 1 5.16 -13.12 5.75
N ASP D 2 4.14 -12.31 6.02
CA ASP D 2 3.74 -12.00 7.40
C ASP D 2 2.68 -12.95 7.95
N ASP D 3 2.54 -12.98 9.27
CA ASP D 3 1.44 -13.73 9.88
C ASP D 3 0.11 -13.01 9.62
N LEU D 4 -0.85 -13.73 9.05
CA LEU D 4 -2.12 -13.10 8.69
C LEU D 4 -2.88 -12.59 9.92
N ASP D 5 -2.85 -13.36 11.01
CA ASP D 5 -3.56 -12.94 12.22
C ASP D 5 -3.04 -11.61 12.72
N ALA D 6 -1.74 -11.36 12.56
CA ALA D 6 -1.13 -10.10 12.99
C ALA D 6 -1.52 -8.93 12.09
N LEU D 7 -1.58 -9.16 10.78
CA LEU D 7 -2.04 -8.09 9.87
C LEU D 7 -3.48 -7.69 10.18
N LEU D 8 -4.35 -8.68 10.35
CA LEU D 8 -5.76 -8.40 10.66
C LEU D 8 -5.92 -7.72 12.01
N ALA D 9 -5.18 -8.20 13.01
CA ALA D 9 -5.21 -7.61 14.35
C ALA D 9 -4.92 -6.10 14.34
N ASP D 10 -4.00 -5.67 13.47
CA ASP D 10 -3.68 -4.24 13.37
C ASP D 10 -4.83 -3.38 12.77
N LEU D 11 -5.83 -4.02 12.18
CA LEU D 11 -7.01 -3.31 11.70
C LEU D 11 -8.21 -3.58 12.61
N GLU D 12 -7.94 -4.05 13.82
CA GLU D 12 -9.02 -4.51 14.70
C GLU D 12 -8.88 -4.00 16.14
N MET E 1 15.87 -8.01 -23.30
CA MET E 1 15.29 -6.96 -24.12
C MET E 1 15.30 -7.33 -25.61
N ASP E 2 14.16 -7.20 -26.27
CA ASP E 2 14.04 -7.44 -27.71
C ASP E 2 14.51 -6.25 -28.53
N ASP E 3 15.04 -6.54 -29.71
CA ASP E 3 15.29 -5.50 -30.70
C ASP E 3 13.94 -4.94 -31.12
N LEU E 4 13.84 -3.62 -31.20
CA LEU E 4 12.56 -2.95 -31.42
C LEU E 4 11.95 -3.29 -32.78
N ASP E 5 12.80 -3.41 -33.79
CA ASP E 5 12.34 -3.74 -35.14
C ASP E 5 11.78 -5.16 -35.20
N ALA E 6 12.47 -6.09 -34.56
CA ALA E 6 12.02 -7.47 -34.55
C ALA E 6 10.72 -7.57 -33.80
N LEU E 7 10.64 -6.85 -32.67
CA LEU E 7 9.48 -6.87 -31.79
C LEU E 7 8.22 -6.50 -32.56
N LEU E 8 8.34 -5.45 -33.38
CA LEU E 8 7.21 -4.88 -34.10
C LEU E 8 6.89 -5.59 -35.42
N ALA E 9 7.75 -6.52 -35.82
CA ALA E 9 7.63 -7.18 -37.13
C ALA E 9 6.23 -7.67 -37.41
N ASP E 10 5.58 -8.25 -36.40
CA ASP E 10 4.25 -8.79 -36.58
C ASP E 10 3.21 -7.71 -36.84
N LEU E 11 3.54 -6.46 -36.57
CA LEU E 11 2.56 -5.39 -36.77
C LEU E 11 2.87 -4.56 -38.02
N GLU E 12 3.96 -4.89 -38.72
CA GLU E 12 4.36 -4.17 -39.93
C GLU E 12 4.13 -5.01 -41.19
N SER E 13 3.88 -4.33 -42.33
CA SER E 13 3.68 -5.07 -43.58
C SER E 13 5.00 -5.63 -44.12
N ASP F 3 7.85 7.24 25.68
CA ASP F 3 8.45 7.75 24.44
C ASP F 3 7.36 8.30 23.51
N LEU F 4 7.36 9.62 23.36
CA LEU F 4 6.26 10.35 22.72
C LEU F 4 5.99 9.88 21.27
N ASP F 5 7.04 9.86 20.44
CA ASP F 5 6.90 9.48 19.04
C ASP F 5 6.38 8.05 18.89
N ALA F 6 6.84 7.16 19.75
CA ALA F 6 6.42 5.76 19.72
C ALA F 6 4.99 5.60 20.23
N LEU F 7 4.63 6.46 21.18
CA LEU F 7 3.30 6.45 21.77
C LEU F 7 2.24 6.94 20.79
N LEU F 8 2.57 7.99 20.03
CA LEU F 8 1.60 8.62 19.14
C LEU F 8 1.44 7.86 17.82
N ALA F 9 2.33 6.90 17.58
CA ALA F 9 2.47 6.26 16.28
C ALA F 9 1.15 5.74 15.70
N ASP F 10 0.33 5.12 16.54
CA ASP F 10 -0.92 4.50 16.07
C ASP F 10 -1.98 5.54 15.71
N LEU F 11 -1.67 6.81 15.94
CA LEU F 11 -2.60 7.89 15.63
C LEU F 11 -2.08 8.71 14.46
N GLU F 12 -0.87 8.38 14.02
CA GLU F 12 -0.19 9.13 12.98
C GLU F 12 -0.27 8.38 11.66
#